data_2F2B
#
_entry.id   2F2B
#
_cell.length_a   88.513
_cell.length_b   88.513
_cell.length_c   79.947
_cell.angle_alpha   90.00
_cell.angle_beta   90.00
_cell.angle_gamma   90.00
#
_symmetry.space_group_name_H-M   'I 4'
#
loop_
_entity.id
_entity.type
_entity.pdbx_description
1 polymer 'Aquaporin aqpM'
2 non-polymer GLYCEROL
3 water water
#
_entity_poly.entity_id   1
_entity_poly.type   'polypeptide(L)'
_entity_poly.pdbx_seq_one_letter_code
;MVSLTKRCIAEFIGTFILVFFGAGSAAVTLMIASGGTSPNPFNIGIGLLGGLGDWVAIGLAFGFAIAASIYALGNISGCH
INPAVTIGLWSVKKFPGREVVPYIIAQLLGAAFGSFIFLQCAGIGAATVGGLGATAPFPGISYWQAMLAEVVGTFLLMIT
IMGIAVDERAPKGFAGIIIGLTVAGIITTLGNISGSSLNPARTFGPYLNDMIFAGTDLWNYYSIYVIGPIVGAVLAALTY
QYLTSE
;
_entity_poly.pdbx_strand_id   A
#
loop_
_chem_comp.id
_chem_comp.type
_chem_comp.name
_chem_comp.formula
GOL non-polymer GLYCEROL 'C3 H8 O3'
#
# COMPACT_ATOMS: atom_id res chain seq x y z
N MET A 1 -0.17 -25.12 6.37
CA MET A 1 -0.94 -26.26 5.81
C MET A 1 -1.07 -26.16 4.30
N VAL A 2 -1.27 -24.94 3.81
CA VAL A 2 -1.40 -24.72 2.37
C VAL A 2 -0.02 -24.66 1.75
N SER A 3 0.14 -25.27 0.58
CA SER A 3 1.42 -25.30 -0.12
C SER A 3 1.92 -23.89 -0.43
N LEU A 4 3.24 -23.76 -0.59
CA LEU A 4 3.85 -22.48 -0.90
C LEU A 4 3.36 -21.97 -2.26
N THR A 5 3.14 -22.90 -3.19
CA THR A 5 2.66 -22.53 -4.51
C THR A 5 1.31 -21.83 -4.40
N LYS A 6 0.38 -22.43 -3.67
CA LYS A 6 -0.94 -21.84 -3.50
C LYS A 6 -0.89 -20.57 -2.67
N ARG A 7 0.02 -20.52 -1.70
CA ARG A 7 0.14 -19.33 -0.86
C ARG A 7 0.70 -18.17 -1.67
N CYS A 8 1.60 -18.46 -2.61
CA CYS A 8 2.16 -17.41 -3.45
C CYS A 8 1.09 -16.91 -4.42
N ILE A 9 0.24 -17.82 -4.89
CA ILE A 9 -0.84 -17.43 -5.79
C ILE A 9 -1.77 -16.49 -5.01
N ALA A 10 -2.02 -16.83 -3.74
CA ALA A 10 -2.87 -16.00 -2.89
C ALA A 10 -2.26 -14.62 -2.69
N GLU A 11 -0.95 -14.56 -2.46
CA GLU A 11 -0.29 -13.27 -2.27
C GLU A 11 -0.37 -12.44 -3.55
N PHE A 12 -0.29 -13.11 -4.70
CA PHE A 12 -0.39 -12.43 -5.99
C PHE A 12 -1.78 -11.82 -6.13
N ILE A 13 -2.80 -12.63 -5.86
CA ILE A 13 -4.19 -12.17 -5.94
C ILE A 13 -4.46 -11.02 -4.97
N GLY A 14 -4.00 -11.18 -3.74
CA GLY A 14 -4.21 -10.16 -2.73
C GLY A 14 -3.57 -8.82 -3.07
N THR A 15 -2.36 -8.86 -3.60
CA THR A 15 -1.68 -7.61 -3.95
C THR A 15 -2.30 -7.01 -5.22
N PHE A 16 -2.78 -7.88 -6.11
CA PHE A 16 -3.45 -7.44 -7.32
C PHE A 16 -4.68 -6.63 -6.89
N ILE A 17 -5.43 -7.18 -5.95
CA ILE A 17 -6.64 -6.53 -5.43
C ILE A 17 -6.31 -5.19 -4.78
N LEU A 18 -5.29 -5.20 -3.94
CA LEU A 18 -4.87 -3.98 -3.24
C LEU A 18 -4.59 -2.84 -4.21
N VAL A 19 -3.82 -3.12 -5.27
CA VAL A 19 -3.46 -2.11 -6.25
C VAL A 19 -4.59 -1.74 -7.22
N PHE A 20 -5.30 -2.74 -7.72
CA PHE A 20 -6.41 -2.48 -8.64
C PHE A 20 -7.44 -1.55 -8.01
N PHE A 21 -7.92 -1.90 -6.82
CA PHE A 21 -8.93 -1.09 -6.15
C PHE A 21 -8.43 0.16 -5.45
N GLY A 22 -7.34 0.03 -4.69
CA GLY A 22 -6.80 1.18 -3.98
C GLY A 22 -6.20 2.24 -4.88
N ALA A 23 -5.16 1.89 -5.61
CA ALA A 23 -4.50 2.84 -6.51
C ALA A 23 -5.49 3.28 -7.58
N GLY A 24 -6.41 2.39 -7.93
CA GLY A 24 -7.40 2.72 -8.93
C GLY A 24 -8.31 3.85 -8.51
N SER A 25 -8.70 3.88 -7.24
CA SER A 25 -9.58 4.94 -6.76
C SER A 25 -8.91 6.30 -6.84
N ALA A 26 -7.60 6.34 -6.63
CA ALA A 26 -6.86 7.60 -6.71
C ALA A 26 -6.83 8.09 -8.16
N ALA A 27 -6.62 7.17 -9.09
CA ALA A 27 -6.59 7.54 -10.50
C ALA A 27 -7.96 8.08 -10.91
N VAL A 28 -9.02 7.42 -10.46
CA VAL A 28 -10.38 7.85 -10.79
C VAL A 28 -10.65 9.26 -10.25
N THR A 29 -10.20 9.54 -9.03
CA THR A 29 -10.41 10.86 -8.43
C THR A 29 -9.83 11.95 -9.33
N LEU A 30 -8.61 11.73 -9.79
CA LEU A 30 -7.94 12.69 -10.66
C LEU A 30 -8.65 12.81 -12.00
N MET A 31 -9.19 11.70 -12.49
CA MET A 31 -9.90 11.71 -13.77
C MET A 31 -11.20 12.51 -13.70
N ILE A 32 -11.94 12.40 -12.59
CA ILE A 32 -13.19 13.15 -12.48
C ILE A 32 -12.97 14.60 -12.07
N ALA A 33 -11.78 14.92 -11.59
CA ALA A 33 -11.45 16.28 -11.18
C ALA A 33 -10.71 17.04 -12.28
N SER A 34 -10.27 16.32 -13.31
CA SER A 34 -9.52 16.90 -14.41
C SER A 34 -10.26 18.09 -15.03
N GLY A 35 -9.55 19.21 -15.16
CA GLY A 35 -10.16 20.40 -15.74
C GLY A 35 -10.56 21.41 -14.69
N GLY A 36 -10.63 20.95 -13.43
CA GLY A 36 -11.00 21.85 -12.35
C GLY A 36 -9.86 22.77 -11.94
N THR A 37 -10.17 23.82 -11.21
CA THR A 37 -9.16 24.77 -10.75
C THR A 37 -8.88 24.58 -9.27
N SER A 38 -7.61 24.32 -8.94
CA SER A 38 -7.18 24.11 -7.57
C SER A 38 -6.85 25.44 -6.89
N PRO A 39 -7.13 25.56 -5.57
CA PRO A 39 -6.85 26.79 -4.83
C PRO A 39 -5.36 27.08 -4.66
N ASN A 40 -4.53 26.03 -4.66
CA ASN A 40 -3.09 26.18 -4.53
C ASN A 40 -2.37 24.93 -5.04
N PRO A 41 -1.06 25.05 -5.37
CA PRO A 41 -0.21 23.96 -5.87
C PRO A 41 -0.16 22.67 -5.06
N PHE A 42 -0.30 22.76 -3.75
CA PHE A 42 -0.25 21.58 -2.88
C PHE A 42 -1.43 20.65 -3.19
N ASN A 43 -2.54 21.24 -3.64
CA ASN A 43 -3.74 20.49 -4.00
C ASN A 43 -3.59 20.18 -5.50
N ILE A 44 -3.27 18.93 -5.82
CA ILE A 44 -3.06 18.52 -7.21
C ILE A 44 -4.29 18.00 -7.94
N GLY A 45 -5.43 17.96 -7.25
CA GLY A 45 -6.63 17.46 -7.88
C GLY A 45 -7.37 16.57 -6.90
N ILE A 46 -6.62 15.84 -6.09
CA ILE A 46 -7.23 14.99 -5.08
C ILE A 46 -7.54 15.98 -3.96
N GLY A 47 -8.82 16.17 -3.67
CA GLY A 47 -9.22 17.11 -2.65
C GLY A 47 -9.83 18.36 -3.28
N LEU A 48 -9.68 18.48 -4.60
CA LEU A 48 -10.22 19.65 -5.30
C LEU A 48 -11.74 19.67 -5.22
N LEU A 49 -12.38 18.53 -5.43
CA LEU A 49 -13.84 18.45 -5.39
C LEU A 49 -14.41 17.98 -4.06
N GLY A 50 -13.65 17.14 -3.34
CA GLY A 50 -14.16 16.64 -2.08
C GLY A 50 -13.34 16.93 -0.84
N GLY A 51 -12.31 17.76 -0.97
CA GLY A 51 -11.47 18.09 0.17
C GLY A 51 -10.84 16.85 0.79
N LEU A 52 -10.72 16.81 2.11
CA LEU A 52 -10.13 15.65 2.75
C LEU A 52 -11.05 14.45 2.54
N GLY A 53 -12.28 14.72 2.14
CA GLY A 53 -13.24 13.66 1.86
C GLY A 53 -12.71 12.76 0.76
N ASP A 54 -12.00 13.36 -0.20
CA ASP A 54 -11.42 12.61 -1.31
C ASP A 54 -10.36 11.67 -0.78
N TRP A 55 -9.58 12.13 0.19
CA TRP A 55 -8.52 11.32 0.76
C TRP A 55 -9.03 10.16 1.61
N VAL A 56 -10.09 10.38 2.38
CA VAL A 56 -10.60 9.27 3.18
C VAL A 56 -11.30 8.27 2.26
N ALA A 57 -11.85 8.76 1.14
CA ALA A 57 -12.50 7.87 0.18
C ALA A 57 -11.45 6.96 -0.44
N ILE A 58 -10.31 7.54 -0.84
CA ILE A 58 -9.23 6.74 -1.42
C ILE A 58 -8.72 5.79 -0.33
N GLY A 59 -8.55 6.32 0.87
CA GLY A 59 -8.09 5.49 1.98
C GLY A 59 -8.99 4.29 2.21
N LEU A 60 -10.30 4.50 2.10
CA LEU A 60 -11.25 3.40 2.31
C LEU A 60 -11.30 2.44 1.13
N ALA A 61 -11.04 2.93 -0.08
CA ALA A 61 -11.03 2.04 -1.23
C ALA A 61 -9.90 1.03 -0.96
N PHE A 62 -8.80 1.53 -0.41
CA PHE A 62 -7.66 0.68 -0.06
C PHE A 62 -8.04 -0.20 1.13
N GLY A 63 -8.54 0.44 2.17
CA GLY A 63 -8.91 -0.26 3.40
C GLY A 63 -9.92 -1.38 3.29
N PHE A 64 -11.00 -1.15 2.55
CA PHE A 64 -12.03 -2.16 2.39
C PHE A 64 -11.51 -3.30 1.52
N ALA A 65 -10.68 -2.99 0.53
CA ALA A 65 -10.13 -4.03 -0.33
C ALA A 65 -9.14 -4.87 0.47
N ILE A 66 -8.39 -4.22 1.36
CA ILE A 66 -7.41 -4.93 2.20
C ILE A 66 -8.14 -5.84 3.18
N ALA A 67 -9.20 -5.33 3.80
CA ALA A 67 -9.98 -6.13 4.75
C ALA A 67 -10.56 -7.34 4.03
N ALA A 68 -11.17 -7.09 2.87
CA ALA A 68 -11.76 -8.18 2.08
C ALA A 68 -10.70 -9.25 1.78
N SER A 69 -9.52 -8.81 1.36
CA SER A 69 -8.44 -9.72 1.03
C SER A 69 -7.98 -10.56 2.22
N ILE A 70 -7.87 -9.93 3.38
CA ILE A 70 -7.46 -10.65 4.59
C ILE A 70 -8.48 -11.70 5.00
N TYR A 71 -9.77 -11.38 4.90
CA TYR A 71 -10.78 -12.36 5.27
C TYR A 71 -10.85 -13.49 4.25
N ALA A 72 -10.53 -13.18 3.00
CA ALA A 72 -10.55 -14.20 1.95
C ALA A 72 -9.28 -15.03 1.87
N LEU A 73 -8.14 -14.40 2.09
CA LEU A 73 -6.85 -15.07 1.96
C LEU A 73 -6.01 -15.23 3.21
N GLY A 74 -6.43 -14.60 4.30
CA GLY A 74 -5.66 -14.69 5.53
C GLY A 74 -5.37 -16.11 6.00
N ASN A 75 -6.38 -16.97 5.92
CA ASN A 75 -6.25 -18.37 6.33
C ASN A 75 -5.49 -19.22 5.31
N ILE A 76 -5.12 -18.60 4.20
CA ILE A 76 -4.39 -19.32 3.16
C ILE A 76 -2.91 -18.99 3.20
N SER A 77 -2.56 -17.73 2.95
CA SER A 77 -1.16 -17.32 2.94
C SER A 77 -0.76 -16.42 4.10
N GLY A 78 -1.75 -15.90 4.82
CA GLY A 78 -1.48 -14.98 5.90
C GLY A 78 -1.79 -13.58 5.39
N CYS A 79 -2.00 -13.49 4.08
CA CYS A 79 -2.30 -12.25 3.38
C CYS A 79 -1.42 -11.06 3.78
N HIS A 80 -0.12 -11.18 3.51
CA HIS A 80 0.83 -10.11 3.81
C HIS A 80 0.64 -8.98 2.80
N ILE A 81 0.57 -9.37 1.52
CA ILE A 81 0.40 -8.47 0.37
C ILE A 81 1.18 -7.16 0.50
N ASN A 82 2.34 -7.25 1.13
CA ASN A 82 3.20 -6.09 1.37
C ASN A 82 4.60 -6.58 1.75
N PRO A 83 5.62 -6.30 0.91
CA PRO A 83 6.98 -6.74 1.21
C PRO A 83 7.48 -6.27 2.58
N ALA A 84 7.06 -5.09 3.00
CA ALA A 84 7.48 -4.55 4.29
C ALA A 84 6.89 -5.36 5.45
N VAL A 85 5.69 -5.90 5.27
CA VAL A 85 5.07 -6.71 6.31
C VAL A 85 5.78 -8.05 6.40
N THR A 86 6.05 -8.64 5.23
CA THR A 86 6.75 -9.93 5.16
C THR A 86 8.11 -9.81 5.86
N ILE A 87 8.84 -8.74 5.57
CA ILE A 87 10.15 -8.51 6.17
C ILE A 87 10.02 -8.21 7.66
N GLY A 88 8.98 -7.44 8.02
CA GLY A 88 8.76 -7.12 9.42
C GLY A 88 8.53 -8.38 10.24
N LEU A 89 7.70 -9.29 9.73
CA LEU A 89 7.39 -10.53 10.42
C LEU A 89 8.66 -11.38 10.52
N TRP A 90 9.43 -11.40 9.45
CA TRP A 90 10.68 -12.16 9.42
C TRP A 90 11.66 -11.64 10.48
N SER A 91 11.76 -10.32 10.63
CA SER A 91 12.67 -9.73 11.59
C SER A 91 12.44 -10.16 13.03
N VAL A 92 11.24 -10.58 13.36
CA VAL A 92 10.95 -11.03 14.71
C VAL A 92 10.63 -12.54 14.76
N LYS A 93 11.15 -13.26 13.77
CA LYS A 93 10.97 -14.71 13.66
C LYS A 93 9.53 -15.19 13.62
N LYS A 94 8.68 -14.46 12.90
CA LYS A 94 7.28 -14.82 12.78
C LYS A 94 6.96 -15.31 11.37
N PHE A 95 7.99 -15.37 10.52
CA PHE A 95 7.85 -15.83 9.14
C PHE A 95 9.22 -16.34 8.71
N PRO A 96 9.27 -17.55 8.10
CA PRO A 96 10.54 -18.12 7.65
C PRO A 96 11.27 -17.35 6.56
N GLY A 97 12.57 -17.17 6.76
CA GLY A 97 13.37 -16.45 5.79
C GLY A 97 13.35 -17.09 4.41
N ARG A 98 13.22 -18.42 4.37
CA ARG A 98 13.22 -19.14 3.11
C ARG A 98 12.01 -18.82 2.23
N GLU A 99 10.97 -18.21 2.80
CA GLU A 99 9.78 -17.88 2.04
C GLU A 99 9.63 -16.37 1.78
N VAL A 100 10.56 -15.58 2.29
CA VAL A 100 10.51 -14.14 2.10
C VAL A 100 10.58 -13.73 0.63
N VAL A 101 11.59 -14.21 -0.09
CA VAL A 101 11.72 -13.85 -1.50
C VAL A 101 10.53 -14.34 -2.33
N PRO A 102 10.08 -15.60 -2.12
CA PRO A 102 8.94 -16.10 -2.88
C PRO A 102 7.71 -15.20 -2.70
N TYR A 103 7.43 -14.82 -1.46
CA TYR A 103 6.28 -13.95 -1.19
C TYR A 103 6.44 -12.58 -1.85
N ILE A 104 7.62 -11.98 -1.72
CA ILE A 104 7.85 -10.65 -2.29
C ILE A 104 7.71 -10.66 -3.81
N ILE A 105 8.23 -11.70 -4.46
CA ILE A 105 8.11 -11.77 -5.91
C ILE A 105 6.64 -11.86 -6.31
N ALA A 106 5.87 -12.67 -5.60
CA ALA A 106 4.45 -12.82 -5.87
C ALA A 106 3.72 -11.49 -5.70
N GLN A 107 4.12 -10.74 -4.66
CA GLN A 107 3.51 -9.44 -4.37
C GLN A 107 3.84 -8.42 -5.46
N LEU A 108 5.10 -8.38 -5.88
CA LEU A 108 5.50 -7.43 -6.92
C LEU A 108 4.76 -7.72 -8.23
N LEU A 109 4.65 -9.01 -8.57
CA LEU A 109 3.96 -9.42 -9.79
C LEU A 109 2.47 -9.10 -9.70
N GLY A 110 1.86 -9.38 -8.55
CA GLY A 110 0.45 -9.09 -8.37
C GLY A 110 0.15 -7.61 -8.52
N ALA A 111 1.01 -6.77 -7.95
CA ALA A 111 0.83 -5.33 -8.01
C ALA A 111 0.94 -4.84 -9.46
N ALA A 112 1.91 -5.37 -10.19
CA ALA A 112 2.09 -4.98 -11.58
C ALA A 112 0.88 -5.37 -12.43
N PHE A 113 0.36 -6.57 -12.23
CA PHE A 113 -0.79 -7.03 -12.99
C PHE A 113 -2.06 -6.28 -12.58
N GLY A 114 -2.18 -5.98 -11.29
CA GLY A 114 -3.36 -5.25 -10.83
C GLY A 114 -3.45 -3.88 -11.48
N SER A 115 -2.31 -3.20 -11.54
CA SER A 115 -2.25 -1.87 -12.15
C SER A 115 -2.55 -1.97 -13.66
N PHE A 116 -1.98 -2.98 -14.30
CA PHE A 116 -2.19 -3.18 -15.73
C PHE A 116 -3.65 -3.44 -16.08
N ILE A 117 -4.28 -4.33 -15.34
CA ILE A 117 -5.68 -4.66 -15.60
C ILE A 117 -6.58 -3.47 -15.30
N PHE A 118 -6.24 -2.67 -14.29
CA PHE A 118 -7.05 -1.51 -14.00
C PHE A 118 -6.96 -0.54 -15.18
N LEU A 119 -5.76 -0.39 -15.71
CA LEU A 119 -5.54 0.50 -16.85
C LEU A 119 -6.43 0.07 -18.03
N GLN A 120 -6.57 -1.23 -18.21
CA GLN A 120 -7.40 -1.75 -19.30
C GLN A 120 -8.87 -1.40 -19.09
N CYS A 121 -9.33 -1.45 -17.84
CA CYS A 121 -10.71 -1.13 -17.50
C CYS A 121 -11.05 0.35 -17.58
N ALA A 122 -10.18 1.18 -17.00
CA ALA A 122 -10.40 2.62 -16.94
C ALA A 122 -9.99 3.41 -18.17
N GLY A 123 -9.09 2.87 -18.98
CA GLY A 123 -8.65 3.58 -20.16
C GLY A 123 -7.31 4.24 -19.93
N ILE A 124 -6.66 4.67 -21.02
CA ILE A 124 -5.35 5.31 -20.93
C ILE A 124 -5.30 6.51 -19.98
N GLY A 125 -6.42 7.21 -19.83
CA GLY A 125 -6.48 8.36 -18.95
C GLY A 125 -6.14 8.04 -17.51
N ALA A 126 -6.33 6.79 -17.11
CA ALA A 126 -6.03 6.38 -15.74
C ALA A 126 -4.55 6.58 -15.46
N ALA A 127 -3.73 6.53 -16.51
CA ALA A 127 -2.30 6.70 -16.38
C ALA A 127 -1.84 8.11 -16.75
N THR A 128 -2.31 8.63 -17.88
CA THR A 128 -1.91 9.95 -18.33
C THR A 128 -2.48 11.09 -17.47
N VAL A 129 -3.63 10.87 -16.86
CA VAL A 129 -4.25 11.88 -16.02
C VAL A 129 -4.17 11.45 -14.54
N GLY A 130 -4.51 10.18 -14.28
CA GLY A 130 -4.50 9.68 -12.92
C GLY A 130 -3.18 9.11 -12.42
N GLY A 131 -2.20 8.93 -13.31
CA GLY A 131 -0.92 8.40 -12.90
C GLY A 131 -1.03 7.03 -12.24
N LEU A 132 -2.13 6.34 -12.52
CA LEU A 132 -2.41 5.01 -11.95
C LEU A 132 -2.23 4.98 -10.44
N GLY A 133 -2.47 6.13 -9.81
CA GLY A 133 -2.33 6.23 -8.37
C GLY A 133 -0.93 5.98 -7.84
N ALA A 134 0.09 6.33 -8.63
CA ALA A 134 1.47 6.14 -8.20
C ALA A 134 1.80 7.08 -7.03
N THR A 135 2.56 6.58 -6.07
CA THR A 135 2.95 7.39 -4.91
C THR A 135 4.26 8.15 -5.16
N ALA A 136 4.23 9.45 -4.91
CA ALA A 136 5.42 10.30 -5.06
C ALA A 136 5.28 11.50 -4.15
N PRO A 137 6.41 12.10 -3.74
CA PRO A 137 6.33 13.27 -2.86
C PRO A 137 5.45 14.35 -3.49
N PHE A 138 4.58 14.96 -2.69
CA PHE A 138 3.72 16.01 -3.19
C PHE A 138 4.47 17.34 -3.29
N PRO A 139 3.87 18.35 -3.92
CA PRO A 139 4.54 19.65 -4.07
C PRO A 139 5.10 20.25 -2.78
N GLY A 140 6.38 20.59 -2.81
CA GLY A 140 7.01 21.17 -1.63
C GLY A 140 7.56 20.15 -0.63
N ILE A 141 7.25 18.88 -0.85
CA ILE A 141 7.73 17.83 0.06
C ILE A 141 9.04 17.25 -0.46
N SER A 142 10.07 17.28 0.38
CA SER A 142 11.38 16.76 -0.01
C SER A 142 11.49 15.24 0.13
N TYR A 143 12.57 14.70 -0.43
CA TYR A 143 12.83 13.27 -0.39
C TYR A 143 12.83 12.74 1.04
N TRP A 144 13.51 13.44 1.94
CA TRP A 144 13.57 12.99 3.33
C TRP A 144 12.27 13.16 4.10
N GLN A 145 11.48 14.17 3.74
CA GLN A 145 10.20 14.37 4.40
C GLN A 145 9.26 13.22 4.04
N ALA A 146 9.28 12.82 2.78
CA ALA A 146 8.44 11.72 2.30
C ALA A 146 8.91 10.42 2.96
N MET A 147 10.22 10.30 3.11
CA MET A 147 10.80 9.12 3.74
C MET A 147 10.30 9.02 5.18
N LEU A 148 10.37 10.12 5.91
CA LEU A 148 9.93 10.14 7.30
C LEU A 148 8.44 9.76 7.39
N ALA A 149 7.64 10.26 6.46
CA ALA A 149 6.22 9.96 6.44
C ALA A 149 5.97 8.46 6.27
N GLU A 150 6.70 7.85 5.35
CA GLU A 150 6.55 6.41 5.10
C GLU A 150 6.99 5.59 6.32
N VAL A 151 8.02 6.04 7.02
CA VAL A 151 8.48 5.31 8.21
C VAL A 151 7.40 5.35 9.29
N VAL A 152 6.89 6.54 9.60
CA VAL A 152 5.87 6.68 10.64
C VAL A 152 4.58 5.95 10.25
N GLY A 153 4.16 6.12 9.01
CA GLY A 153 2.95 5.45 8.56
C GLY A 153 3.06 3.93 8.62
N THR A 154 4.17 3.38 8.13
CA THR A 154 4.32 1.93 8.13
C THR A 154 4.54 1.41 9.55
N PHE A 155 5.08 2.25 10.43
CA PHE A 155 5.27 1.87 11.83
C PHE A 155 3.90 1.58 12.44
N LEU A 156 2.95 2.50 12.23
CA LEU A 156 1.60 2.30 12.77
C LEU A 156 0.97 1.05 12.20
N LEU A 157 1.08 0.87 10.88
CA LEU A 157 0.52 -0.30 10.23
C LEU A 157 1.07 -1.59 10.83
N MET A 158 2.39 -1.69 10.91
CA MET A 158 3.02 -2.90 11.45
C MET A 158 2.75 -3.18 12.92
N ILE A 159 2.77 -2.14 13.76
CA ILE A 159 2.54 -2.37 15.19
C ILE A 159 1.10 -2.83 15.40
N THR A 160 0.19 -2.38 14.54
CA THR A 160 -1.20 -2.78 14.63
C THR A 160 -1.29 -4.25 14.22
N ILE A 161 -0.59 -4.61 13.14
CA ILE A 161 -0.59 -6.00 12.68
C ILE A 161 -0.06 -6.91 13.78
N MET A 162 0.98 -6.48 14.49
CA MET A 162 1.54 -7.27 15.56
C MET A 162 0.52 -7.51 16.66
N GLY A 163 -0.19 -6.46 17.06
CA GLY A 163 -1.16 -6.58 18.12
C GLY A 163 -2.46 -7.30 17.81
N ILE A 164 -2.97 -7.14 16.59
CA ILE A 164 -4.24 -7.75 16.22
C ILE A 164 -4.18 -9.04 15.38
N ALA A 165 -3.06 -9.29 14.71
CA ALA A 165 -2.95 -10.49 13.89
C ALA A 165 -1.88 -11.48 14.33
N VAL A 166 -0.77 -10.97 14.86
CA VAL A 166 0.33 -11.82 15.29
C VAL A 166 0.21 -12.30 16.73
N ASP A 167 -0.06 -11.37 17.65
CA ASP A 167 -0.19 -11.70 19.07
C ASP A 167 -1.25 -12.76 19.34
N GLU A 168 -0.86 -13.78 20.09
CA GLU A 168 -1.75 -14.87 20.45
C GLU A 168 -2.95 -14.44 21.29
N ARG A 169 -2.87 -13.25 21.89
CA ARG A 169 -3.96 -12.73 22.72
C ARG A 169 -4.97 -11.91 21.93
N ALA A 170 -4.66 -11.66 20.66
CA ALA A 170 -5.53 -10.87 19.80
C ALA A 170 -6.94 -11.44 19.66
N PRO A 171 -7.97 -10.58 19.72
CA PRO A 171 -9.35 -11.04 19.59
C PRO A 171 -9.57 -11.58 18.19
N LYS A 172 -10.01 -12.83 18.10
CA LYS A 172 -10.23 -13.48 16.81
C LYS A 172 -11.27 -12.83 15.93
N GLY A 173 -10.96 -12.77 14.63
CA GLY A 173 -11.88 -12.22 13.65
C GLY A 173 -11.73 -10.75 13.32
N PHE A 174 -11.11 -9.96 14.21
CA PHE A 174 -10.95 -8.53 13.99
C PHE A 174 -9.78 -8.08 13.11
N ALA A 175 -8.79 -8.95 12.94
CA ALA A 175 -7.60 -8.56 12.16
C ALA A 175 -7.86 -7.89 10.81
N GLY A 176 -8.65 -8.53 9.96
CA GLY A 176 -8.90 -7.96 8.64
C GLY A 176 -9.45 -6.54 8.63
N ILE A 177 -10.55 -6.33 9.36
CA ILE A 177 -11.16 -5.01 9.36
C ILE A 177 -10.30 -3.94 10.04
N ILE A 178 -9.64 -4.30 11.13
CA ILE A 178 -8.81 -3.30 11.81
C ILE A 178 -7.60 -2.91 10.97
N ILE A 179 -6.94 -3.88 10.34
CA ILE A 179 -5.78 -3.57 9.52
C ILE A 179 -6.20 -2.69 8.35
N GLY A 180 -7.32 -3.03 7.70
CA GLY A 180 -7.79 -2.23 6.58
C GLY A 180 -8.13 -0.80 6.97
N LEU A 181 -8.86 -0.63 8.07
CA LEU A 181 -9.24 0.72 8.50
C LEU A 181 -8.02 1.51 8.95
N THR A 182 -7.03 0.83 9.52
CA THR A 182 -5.82 1.54 9.95
C THR A 182 -5.14 2.13 8.72
N VAL A 183 -5.08 1.36 7.63
CA VAL A 183 -4.47 1.84 6.40
C VAL A 183 -5.28 3.03 5.87
N ALA A 184 -6.61 2.94 5.93
CA ALA A 184 -7.46 4.04 5.45
C ALA A 184 -7.13 5.32 6.21
N GLY A 185 -6.94 5.19 7.52
CA GLY A 185 -6.63 6.36 8.33
C GLY A 185 -5.26 6.95 8.04
N ILE A 186 -4.28 6.09 7.82
CA ILE A 186 -2.92 6.55 7.51
C ILE A 186 -2.92 7.28 6.18
N ILE A 187 -3.64 6.76 5.19
CA ILE A 187 -3.71 7.40 3.88
C ILE A 187 -4.41 8.76 3.97
N THR A 188 -5.44 8.84 4.81
CA THR A 188 -6.16 10.10 4.95
C THR A 188 -5.22 11.20 5.41
N THR A 189 -4.31 10.87 6.34
CA THR A 189 -3.36 11.85 6.86
C THR A 189 -2.15 12.10 5.96
N LEU A 190 -1.49 11.01 5.55
CA LEU A 190 -0.26 11.09 4.75
C LEU A 190 -0.38 11.06 3.23
N GLY A 191 -1.58 10.85 2.71
CA GLY A 191 -1.75 10.80 1.27
C GLY A 191 -1.21 12.01 0.53
N ASN A 192 -1.52 13.20 1.02
CA ASN A 192 -1.08 14.43 0.37
C ASN A 192 0.36 14.83 0.72
N ILE A 193 1.08 13.94 1.37
CA ILE A 193 2.47 14.22 1.71
C ILE A 193 3.39 13.33 0.87
N SER A 194 3.27 12.01 1.04
CA SER A 194 4.10 11.07 0.30
C SER A 194 3.30 10.13 -0.59
N GLY A 195 1.98 10.23 -0.52
CA GLY A 195 1.13 9.32 -1.30
C GLY A 195 0.73 8.18 -0.40
N SER A 196 1.38 8.09 0.77
CA SER A 196 1.11 7.06 1.77
C SER A 196 1.09 5.64 1.23
N SER A 197 2.23 5.21 0.69
CA SER A 197 2.36 3.87 0.13
C SER A 197 2.36 2.76 1.18
N LEU A 198 3.30 2.86 2.12
CA LEU A 198 3.46 1.89 3.21
C LEU A 198 3.75 0.50 2.65
N ASN A 199 3.98 0.42 1.34
CA ASN A 199 4.11 -0.87 0.68
C ASN A 199 4.96 -0.81 -0.59
N PRO A 200 6.15 -1.43 -0.58
CA PRO A 200 7.02 -1.40 -1.77
C PRO A 200 6.37 -1.95 -3.05
N ALA A 201 5.52 -2.98 -2.92
CA ALA A 201 4.86 -3.56 -4.09
C ALA A 201 3.76 -2.64 -4.62
N ARG A 202 3.01 -2.05 -3.70
CA ARG A 202 1.92 -1.14 -4.08
C ARG A 202 2.44 0.06 -4.86
N THR A 203 3.72 0.38 -4.67
CA THR A 203 4.32 1.50 -5.40
C THR A 203 4.92 0.97 -6.71
N PHE A 204 5.54 -0.21 -6.64
CA PHE A 204 6.16 -0.85 -7.81
C PHE A 204 5.20 -1.00 -9.00
N GLY A 205 4.02 -1.55 -8.74
CA GLY A 205 3.05 -1.78 -9.81
C GLY A 205 2.74 -0.54 -10.64
N PRO A 206 2.26 0.53 -10.01
CA PRO A 206 1.93 1.77 -10.72
C PRO A 206 3.16 2.39 -11.40
N TYR A 207 4.31 2.33 -10.73
CA TYR A 207 5.54 2.88 -11.30
C TYR A 207 5.86 2.19 -12.62
N LEU A 208 5.79 0.86 -12.63
CA LEU A 208 6.08 0.09 -13.82
C LEU A 208 5.13 0.43 -14.97
N ASN A 209 3.83 0.39 -14.69
CA ASN A 209 2.86 0.68 -15.72
C ASN A 209 2.86 2.15 -16.17
N ASP A 210 3.16 3.08 -15.26
CA ASP A 210 3.23 4.49 -15.63
C ASP A 210 4.37 4.70 -16.61
N MET A 211 5.47 3.97 -16.39
CA MET A 211 6.63 4.07 -17.25
C MET A 211 6.31 3.56 -18.65
N ILE A 212 5.69 2.39 -18.71
CA ILE A 212 5.34 1.75 -19.97
C ILE A 212 4.21 2.41 -20.75
N PHE A 213 3.18 2.88 -20.06
CA PHE A 213 2.02 3.48 -20.72
C PHE A 213 1.84 4.98 -20.59
N ALA A 214 2.50 5.61 -19.63
CA ALA A 214 2.38 7.06 -19.46
C ALA A 214 3.69 7.78 -19.75
N GLY A 215 4.75 7.00 -19.98
CA GLY A 215 6.04 7.60 -20.25
C GLY A 215 6.55 8.37 -19.05
N THR A 216 6.00 8.07 -17.88
CA THR A 216 6.40 8.75 -16.65
C THR A 216 7.44 7.90 -15.91
N ASP A 217 8.56 8.53 -15.59
CA ASP A 217 9.67 7.87 -14.90
C ASP A 217 9.76 8.38 -13.46
N LEU A 218 9.26 7.58 -12.52
CA LEU A 218 9.26 7.96 -11.11
C LEU A 218 10.27 7.13 -10.29
N TRP A 219 11.01 6.26 -10.97
CA TRP A 219 11.97 5.38 -10.29
C TRP A 219 12.97 6.06 -9.37
N ASN A 220 13.25 7.34 -9.62
CA ASN A 220 14.19 8.08 -8.80
C ASN A 220 13.66 8.27 -7.38
N TYR A 221 12.36 8.05 -7.19
CA TYR A 221 11.73 8.18 -5.88
C TYR A 221 11.48 6.82 -5.22
N TYR A 222 11.64 5.75 -5.98
CA TYR A 222 11.36 4.42 -5.45
C TYR A 222 12.05 4.04 -4.14
N SER A 223 13.28 4.49 -3.92
CA SER A 223 13.98 4.15 -2.68
C SER A 223 13.20 4.61 -1.44
N ILE A 224 12.45 5.71 -1.59
CA ILE A 224 11.63 6.22 -0.49
C ILE A 224 10.64 5.16 -0.04
N TYR A 225 10.01 4.53 -1.03
CA TYR A 225 8.98 3.53 -0.80
C TYR A 225 9.47 2.10 -0.56
N VAL A 226 10.78 1.94 -0.49
CA VAL A 226 11.37 0.65 -0.21
C VAL A 226 11.96 0.77 1.20
N ILE A 227 12.86 1.73 1.37
CA ILE A 227 13.51 1.95 2.65
C ILE A 227 12.53 2.42 3.74
N GLY A 228 11.71 3.41 3.42
CA GLY A 228 10.77 3.93 4.40
C GLY A 228 9.88 2.86 5.02
N PRO A 229 9.11 2.12 4.21
CA PRO A 229 8.23 1.07 4.74
C PRO A 229 8.97 -0.04 5.48
N ILE A 230 10.09 -0.50 4.92
CA ILE A 230 10.83 -1.57 5.57
C ILE A 230 11.37 -1.13 6.93
N VAL A 231 11.91 0.07 7.00
CA VAL A 231 12.45 0.58 8.27
C VAL A 231 11.32 0.74 9.29
N GLY A 232 10.22 1.34 8.88
CA GLY A 232 9.10 1.52 9.78
C GLY A 232 8.55 0.20 10.29
N ALA A 233 8.42 -0.78 9.39
CA ALA A 233 7.89 -2.08 9.77
C ALA A 233 8.79 -2.82 10.77
N VAL A 234 10.09 -2.86 10.48
CA VAL A 234 11.01 -3.54 11.38
C VAL A 234 11.06 -2.84 12.73
N LEU A 235 11.10 -1.51 12.72
CA LEU A 235 11.14 -0.75 13.97
C LEU A 235 9.90 -1.07 14.82
N ALA A 236 8.75 -1.18 14.17
CA ALA A 236 7.50 -1.48 14.87
C ALA A 236 7.50 -2.90 15.44
N ALA A 237 7.97 -3.85 14.63
CA ALA A 237 8.02 -5.24 15.07
C ALA A 237 8.93 -5.38 16.28
N LEU A 238 10.10 -4.75 16.22
CA LEU A 238 11.06 -4.80 17.33
C LEU A 238 10.52 -4.10 18.57
N THR A 239 9.80 -3.00 18.37
CA THR A 239 9.22 -2.24 19.47
C THR A 239 8.14 -3.06 20.17
N TYR A 240 7.29 -3.72 19.39
CA TYR A 240 6.23 -4.52 19.96
C TYR A 240 6.83 -5.67 20.78
N GLN A 241 7.84 -6.31 20.21
CA GLN A 241 8.52 -7.42 20.88
C GLN A 241 9.09 -6.97 22.22
N TYR A 242 9.65 -5.77 22.24
CA TYR A 242 10.22 -5.21 23.46
C TYR A 242 9.17 -4.93 24.52
N LEU A 243 8.10 -4.24 24.13
CA LEU A 243 7.02 -3.90 25.06
C LEU A 243 6.32 -5.11 25.67
N THR A 244 6.24 -6.19 24.91
CA THR A 244 5.56 -7.40 25.38
C THR A 244 6.53 -8.48 25.88
N SER A 245 7.82 -8.15 25.92
CA SER A 245 8.82 -9.11 26.37
C SER A 245 8.75 -9.31 27.88
C1 GOL B . -1.96 -4.02 3.75
O1 GOL B . -2.55 -5.35 4.43
C2 GOL B . -0.60 -3.64 3.75
O2 GOL B . 0.09 -4.37 4.63
C3 GOL B . -0.41 -2.76 2.95
O3 GOL B . -0.64 -1.69 1.85
#